data_9JM4
#
_entry.id   9JM4
#
_cell.length_a   133.198
_cell.length_b   133.198
_cell.length_c   133.198
_cell.angle_alpha   90.00
_cell.angle_beta   90.00
_cell.angle_gamma   90.00
#
_symmetry.space_group_name_H-M   'P 43 3 2'
#
loop_
_entity.id
_entity.type
_entity.pdbx_description
1 polymer LRO-C3-7
2 non-polymer 'SODIUM ION'
3 water water
#
_entity_poly.entity_id   1
_entity_poly.type   'polypeptide(L)'
_entity_poly.pdbx_seq_one_letter_code
;MGVVKLEL(OZW)VVARSTGALSKEELAKVMLGTNEEAIELGEAAAARAKAMGDEESAKIIKAIVEKLKKGHHHHHH
;
_entity_poly.pdbx_strand_id   A,B,C,D
#
# COMPACT_ATOMS: atom_id res chain seq x y z
N GLY A 2 -0.74 -18.01 6.66
CA GLY A 2 0.65 -17.75 6.38
C GLY A 2 0.86 -16.29 6.04
N VAL A 3 1.83 -15.67 6.72
CA VAL A 3 2.03 -14.25 6.53
C VAL A 3 2.71 -14.05 5.18
N VAL A 4 3.51 -15.03 4.77
CA VAL A 4 4.26 -14.98 3.51
C VAL A 4 3.33 -15.20 2.33
N LYS A 5 2.36 -16.11 2.49
CA LYS A 5 1.35 -16.30 1.45
C LYS A 5 0.58 -15.01 1.25
N LEU A 6 0.37 -14.26 2.34
CA LEU A 6 -0.31 -12.98 2.25
C LEU A 6 0.58 -11.93 1.61
N GLU A 7 1.89 -11.99 1.87
CA GLU A 7 2.84 -11.13 1.15
C GLU A 7 2.75 -11.35 -0.35
N LEU A 8 2.76 -12.60 -0.77
CA LEU A 8 2.63 -12.94 -2.18
C LEU A 8 1.32 -12.38 -2.72
N VAL A 10 -0.48 -9.84 -1.61
CA VAL A 10 -0.42 -8.37 -1.64
C VAL A 10 0.37 -7.88 -2.84
N VAL A 11 1.57 -8.43 -3.02
CA VAL A 11 2.43 -7.96 -4.11
C VAL A 11 1.83 -8.31 -5.46
N ALA A 12 1.32 -9.54 -5.61
CA ALA A 12 0.75 -9.96 -6.88
C ALA A 12 -0.51 -9.17 -7.21
N ARG A 13 -1.31 -8.84 -6.19
CA ARG A 13 -2.52 -8.06 -6.46
C ARG A 13 -2.19 -6.63 -6.84
N SER A 14 -1.24 -5.99 -6.12
CA SER A 14 -0.91 -4.61 -6.46
C SER A 14 -0.20 -4.50 -7.80
N THR A 15 0.55 -5.53 -8.19
CA THR A 15 1.23 -5.51 -9.49
C THR A 15 0.32 -5.92 -10.64
N GLY A 16 -0.85 -6.48 -10.36
CA GLY A 16 -1.64 -7.04 -11.43
C GLY A 16 -1.06 -8.30 -12.03
N ALA A 17 -0.22 -9.00 -11.28
CA ALA A 17 0.47 -10.16 -11.83
C ALA A 17 -0.39 -11.42 -11.79
N LEU A 18 -1.39 -11.47 -10.92
CA LEU A 18 -2.34 -12.57 -10.88
C LEU A 18 -3.74 -12.02 -11.09
N SER A 19 -4.61 -12.84 -11.70
CA SER A 19 -5.99 -12.46 -11.87
C SER A 19 -6.75 -12.62 -10.54
N LYS A 20 -8.02 -12.20 -10.54
CA LYS A 20 -8.84 -12.31 -9.34
C LYS A 20 -9.00 -13.75 -8.88
N GLU A 21 -9.33 -14.64 -9.82
CA GLU A 21 -9.44 -16.07 -9.50
C GLU A 21 -8.13 -16.60 -8.93
N GLU A 22 -7.01 -16.28 -9.58
CA GLU A 22 -5.71 -16.79 -9.13
C GLU A 22 -5.36 -16.29 -7.74
N LEU A 23 -5.64 -15.01 -7.44
CA LEU A 23 -5.45 -14.52 -6.08
C LEU A 23 -6.30 -15.31 -5.09
N ALA A 24 -7.57 -15.54 -5.43
CA ALA A 24 -8.43 -16.37 -4.59
C ALA A 24 -7.80 -17.73 -4.36
N LYS A 25 -7.23 -18.33 -5.42
CA LYS A 25 -6.58 -19.64 -5.30
C LYS A 25 -5.34 -19.56 -4.41
N VAL A 26 -4.59 -18.46 -4.50
CA VAL A 26 -3.43 -18.27 -3.65
C VAL A 26 -3.84 -18.28 -2.19
N MET A 27 -5.01 -17.71 -1.90
CA MET A 27 -5.43 -17.65 -0.50
C MET A 27 -6.07 -18.96 -0.04
N LEU A 28 -6.91 -19.57 -0.88
CA LEU A 28 -7.72 -20.71 -0.51
C LEU A 28 -7.20 -22.04 -1.05
N GLY A 29 -6.13 -22.04 -1.84
CA GLY A 29 -5.63 -23.23 -2.47
C GLY A 29 -4.51 -23.89 -1.63
N THR A 30 -3.86 -24.86 -2.29
CA THR A 30 -2.79 -25.59 -1.62
C THR A 30 -1.52 -24.74 -1.59
N ASN A 31 -0.52 -25.23 -0.86
CA ASN A 31 0.75 -24.53 -0.83
C ASN A 31 1.46 -24.60 -2.17
N GLU A 32 1.45 -25.78 -2.79
CA GLU A 32 2.02 -25.94 -4.13
C GLU A 32 1.35 -25.01 -5.12
N GLU A 33 0.03 -24.89 -5.05
CA GLU A 33 -0.68 -23.97 -5.95
C GLU A 33 -0.23 -22.53 -5.72
N ALA A 34 -0.02 -22.15 -4.47
CA ALA A 34 0.45 -20.80 -4.18
C ALA A 34 1.85 -20.57 -4.77
N ILE A 35 2.75 -21.52 -4.58
CA ILE A 35 4.10 -21.40 -5.13
C ILE A 35 4.07 -21.28 -6.64
N GLU A 36 3.27 -22.14 -7.29
CA GLU A 36 3.23 -22.14 -8.74
C GLU A 36 2.61 -20.86 -9.29
N LEU A 37 1.55 -20.36 -8.64
CA LEU A 37 0.97 -19.10 -9.07
C LEU A 37 1.93 -17.93 -8.82
N GLY A 38 2.70 -17.97 -7.74
CA GLY A 38 3.72 -16.96 -7.53
C GLY A 38 4.78 -16.97 -8.64
N GLU A 39 5.23 -18.16 -9.02
CA GLU A 39 6.20 -18.26 -10.10
C GLU A 39 5.61 -17.76 -11.41
N ALA A 40 4.34 -18.08 -11.68
CA ALA A 40 3.66 -17.54 -12.84
C ALA A 40 3.61 -16.01 -12.80
N ALA A 41 3.33 -15.46 -11.62
CA ALA A 41 3.29 -14.00 -11.47
C ALA A 41 4.64 -13.38 -11.79
N ALA A 42 5.72 -14.00 -11.28
CA ALA A 42 7.06 -13.49 -11.55
C ALA A 42 7.37 -13.58 -13.04
N ALA A 43 6.97 -14.68 -13.68
CA ALA A 43 7.22 -14.85 -15.11
C ALA A 43 6.45 -13.80 -15.92
N ARG A 44 5.20 -13.51 -15.53
CA ARG A 44 4.43 -12.50 -16.23
C ARG A 44 5.05 -11.11 -16.06
N ALA A 45 5.46 -10.78 -14.85
CA ALA A 45 6.11 -9.49 -14.62
C ALA A 45 7.38 -9.37 -15.46
N LYS A 46 8.21 -10.42 -15.44
CA LYS A 46 9.37 -10.47 -16.34
C LYS A 46 8.97 -10.22 -17.78
N ALA A 47 7.93 -10.93 -18.26
CA ALA A 47 7.51 -10.77 -19.65
C ALA A 47 7.15 -9.32 -19.96
N MET A 48 6.62 -8.60 -18.99
CA MET A 48 6.34 -7.18 -19.17
C MET A 48 7.54 -6.29 -18.91
N GLY A 49 8.70 -6.85 -18.57
CA GLY A 49 9.88 -6.05 -18.30
C GLY A 49 10.02 -5.57 -16.87
N ASP A 50 9.09 -5.93 -15.98
CA ASP A 50 9.08 -5.43 -14.61
C ASP A 50 9.98 -6.34 -13.75
N GLU A 51 11.27 -6.06 -13.81
CA GLU A 51 12.25 -6.87 -13.08
C GLU A 51 12.11 -6.71 -11.58
N GLU A 52 11.79 -5.50 -11.10
CA GLU A 52 11.64 -5.25 -9.67
C GLU A 52 10.59 -6.18 -9.05
N SER A 53 9.39 -6.17 -9.62
CA SER A 53 8.32 -7.03 -9.12
C SER A 53 8.71 -8.50 -9.21
N ALA A 54 9.38 -8.88 -10.29
CA ALA A 54 9.81 -10.27 -10.45
C ALA A 54 10.75 -10.68 -9.33
N LYS A 55 11.68 -9.81 -8.97
CA LYS A 55 12.66 -10.10 -7.93
C LYS A 55 11.97 -10.25 -6.57
N ILE A 56 11.00 -9.37 -6.28
CA ILE A 56 10.29 -9.48 -5.00
C ILE A 56 9.44 -10.74 -4.96
N ILE A 57 8.65 -10.98 -6.00
CA ILE A 57 7.81 -12.17 -6.07
C ILE A 57 8.65 -13.44 -5.91
N LYS A 58 9.79 -13.50 -6.61
CA LYS A 58 10.66 -14.66 -6.49
C LYS A 58 11.16 -14.84 -5.06
N ALA A 59 11.58 -13.76 -4.40
CA ALA A 59 12.01 -13.88 -3.01
C ALA A 59 10.90 -14.44 -2.13
N ILE A 60 9.67 -13.94 -2.31
CA ILE A 60 8.54 -14.42 -1.51
C ILE A 60 8.30 -15.90 -1.80
N VAL A 61 8.28 -16.29 -3.07
CA VAL A 61 8.08 -17.69 -3.44
C VAL A 61 9.16 -18.57 -2.82
N GLU A 62 10.39 -18.09 -2.81
CA GLU A 62 11.47 -18.86 -2.19
C GLU A 62 11.19 -19.08 -0.70
N LYS A 63 10.78 -18.03 0.00
CA LYS A 63 10.39 -18.21 1.40
C LYS A 63 9.26 -19.23 1.52
N LEU A 64 8.29 -19.20 0.59
CA LEU A 64 7.19 -20.15 0.62
C LEU A 64 7.69 -21.59 0.47
N LYS A 65 8.73 -21.79 -0.33
CA LYS A 65 9.22 -23.14 -0.58
C LYS A 65 9.91 -23.72 0.64
N LYS A 66 10.63 -22.87 1.35
CA LYS A 66 11.42 -23.34 2.46
C LYS A 66 10.62 -23.58 3.70
N GLY A 67 9.35 -23.28 3.65
CA GLY A 67 8.51 -23.46 4.81
C GLY A 67 7.53 -24.59 4.58
N GLY B 2 17.39 17.00 -8.96
CA GLY B 2 17.91 18.19 -9.61
C GLY B 2 17.00 18.70 -10.72
N VAL B 3 16.99 17.98 -11.84
CA VAL B 3 16.14 18.36 -12.95
C VAL B 3 14.68 18.08 -12.64
N VAL B 4 14.40 17.01 -11.90
CA VAL B 4 13.02 16.65 -11.58
C VAL B 4 12.47 17.61 -10.54
N LYS B 5 13.30 18.04 -9.60
CA LYS B 5 12.87 19.03 -8.62
C LYS B 5 12.51 20.35 -9.29
N LEU B 6 13.25 20.72 -10.34
CA LEU B 6 12.92 21.95 -11.05
C LEU B 6 11.68 21.78 -11.91
N GLU B 7 11.47 20.59 -12.47
CA GLU B 7 10.21 20.31 -13.16
C GLU B 7 9.02 20.49 -12.22
N LEU B 8 9.11 19.89 -11.03
CA LEU B 8 8.06 20.04 -10.03
C LEU B 8 7.89 21.50 -9.67
N VAL B 10 8.58 24.31 -11.53
CA VAL B 10 7.96 25.09 -12.59
C VAL B 10 6.48 24.76 -12.67
N VAL B 11 6.12 23.49 -12.61
CA VAL B 11 4.71 23.15 -12.72
C VAL B 11 3.95 23.69 -11.52
N ALA B 12 4.48 23.55 -10.31
CA ALA B 12 3.76 23.99 -9.14
C ALA B 12 3.55 25.49 -9.05
N ARG B 13 4.48 26.25 -9.57
CA ARG B 13 4.39 27.68 -9.47
C ARG B 13 3.47 28.25 -10.54
N SER B 14 3.46 27.64 -11.70
CA SER B 14 2.58 28.08 -12.76
C SER B 14 1.17 27.77 -12.35
N THR B 15 0.99 26.72 -11.59
CA THR B 15 -0.35 26.44 -11.07
C THR B 15 -0.70 27.24 -9.82
N GLY B 16 0.26 27.87 -9.16
CA GLY B 16 -0.01 28.47 -7.87
C GLY B 16 -0.26 27.46 -6.77
N ALA B 17 0.22 26.23 -6.91
CA ALA B 17 -0.08 25.18 -5.94
C ALA B 17 0.85 25.21 -4.73
N LEU B 18 2.03 25.80 -4.86
CA LEU B 18 2.96 25.92 -3.74
C LEU B 18 3.22 27.39 -3.43
N SER B 19 3.45 27.66 -2.15
CA SER B 19 3.80 29.00 -1.68
C SER B 19 5.25 29.33 -1.98
N LYS B 20 5.64 30.57 -1.65
CA LYS B 20 7.02 30.99 -1.83
C LYS B 20 7.96 30.13 -1.00
N GLU B 21 7.57 29.86 0.26
CA GLU B 21 8.34 28.96 1.12
C GLU B 21 8.49 27.59 0.48
N GLU B 22 7.37 27.01 0.06
CA GLU B 22 7.35 25.65 -0.46
C GLU B 22 8.13 25.54 -1.76
N LEU B 23 7.99 26.52 -2.65
CA LEU B 23 8.79 26.51 -3.87
C LEU B 23 10.28 26.56 -3.55
N ALA B 24 10.67 27.44 -2.62
CA ALA B 24 12.06 27.49 -2.20
C ALA B 24 12.54 26.14 -1.68
N LYS B 25 11.74 25.45 -0.85
CA LYS B 25 12.18 24.15 -0.35
C LYS B 25 12.24 23.09 -1.44
N VAL B 26 11.29 23.14 -2.40
CA VAL B 26 11.36 22.21 -3.52
C VAL B 26 12.69 22.37 -4.23
N MET B 27 13.21 23.61 -4.29
CA MET B 27 14.46 23.82 -4.99
C MET B 27 15.68 23.48 -4.15
N LEU B 28 15.72 23.93 -2.90
CA LEU B 28 16.94 23.85 -2.10
C LEU B 28 16.92 22.78 -1.01
N GLY B 29 15.82 22.07 -0.82
CA GLY B 29 15.70 21.10 0.25
C GLY B 29 16.09 19.71 -0.19
N THR B 30 15.83 18.75 0.69
CA THR B 30 16.18 17.37 0.40
C THR B 30 15.15 16.76 -0.55
N ASN B 31 15.47 15.57 -1.05
N ASN B 31 15.47 15.57 -1.05
CA ASN B 31 14.56 14.89 -1.98
CA ASN B 31 14.58 14.87 -1.96
C ASN B 31 13.27 14.50 -1.28
C ASN B 31 13.27 14.50 -1.28
N GLU B 32 13.35 14.12 0.00
CA GLU B 32 12.14 13.77 0.75
C GLU B 32 11.22 14.98 0.89
N GLU B 33 11.79 16.13 1.22
CA GLU B 33 11.00 17.35 1.32
C GLU B 33 10.35 17.69 -0.01
N ALA B 34 11.08 17.45 -1.10
CA ALA B 34 10.52 17.67 -2.44
C ALA B 34 9.34 16.75 -2.70
N ILE B 35 9.47 15.46 -2.35
CA ILE B 35 8.36 14.53 -2.54
C ILE B 35 7.14 14.99 -1.76
N GLU B 36 7.33 15.42 -0.51
CA GLU B 36 6.19 15.80 0.31
C GLU B 36 5.51 17.05 -0.25
N LEU B 37 6.30 18.05 -0.65
CA LEU B 37 5.71 19.25 -1.24
C LEU B 37 5.06 18.96 -2.59
N GLY B 38 5.62 18.05 -3.37
CA GLY B 38 4.97 17.64 -4.60
C GLY B 38 3.62 17.00 -4.38
N GLU B 39 3.53 16.11 -3.39
CA GLU B 39 2.25 15.49 -3.08
C GLU B 39 1.24 16.53 -2.61
N ALA B 40 1.67 17.48 -1.79
CA ALA B 40 0.79 18.56 -1.39
C ALA B 40 0.34 19.39 -2.58
N ALA B 41 1.26 19.68 -3.50
CA ALA B 41 0.93 20.46 -4.68
C ALA B 41 -0.09 19.74 -5.56
N ALA B 42 0.09 18.43 -5.75
CA ALA B 42 -0.87 17.67 -6.55
C ALA B 42 -2.23 17.65 -5.89
N ALA B 43 -2.27 17.46 -4.57
CA ALA B 43 -3.55 17.42 -3.87
C ALA B 43 -4.27 18.77 -3.97
N ARG B 44 -3.51 19.86 -3.81
CA ARG B 44 -4.11 21.20 -3.93
C ARG B 44 -4.58 21.46 -5.36
N ALA B 45 -3.78 21.08 -6.36
CA ALA B 45 -4.17 21.27 -7.75
C ALA B 45 -5.47 20.55 -8.05
N LYS B 46 -5.58 19.29 -7.63
CA LYS B 46 -6.85 18.59 -7.69
C LYS B 46 -7.95 19.40 -7.02
N ALA B 47 -7.69 19.83 -5.78
CA ALA B 47 -8.70 20.58 -5.02
C ALA B 47 -9.12 21.86 -5.72
N MET B 48 -8.21 22.50 -6.47
CA MET B 48 -8.54 23.70 -7.20
C MET B 48 -9.25 23.43 -8.53
N GLY B 49 -9.52 22.16 -8.85
CA GLY B 49 -10.14 21.80 -10.10
C GLY B 49 -9.19 21.62 -11.26
N ASP B 50 -7.89 21.83 -11.06
CA ASP B 50 -6.91 21.69 -12.14
C ASP B 50 -6.44 20.24 -12.14
N GLU B 51 -7.25 19.37 -12.74
CA GLU B 51 -6.96 17.95 -12.74
C GLU B 51 -5.72 17.65 -13.57
N GLU B 52 -5.55 18.36 -14.68
CA GLU B 52 -4.39 18.17 -15.54
C GLU B 52 -3.09 18.41 -14.79
N SER B 53 -3.00 19.55 -14.12
CA SER B 53 -1.81 19.85 -13.32
C SER B 53 -1.61 18.77 -12.25
N ALA B 54 -2.69 18.27 -11.67
CA ALA B 54 -2.57 17.22 -10.67
C ALA B 54 -1.93 15.97 -11.25
N LYS B 55 -2.35 15.57 -12.46
CA LYS B 55 -1.77 14.38 -13.08
C LYS B 55 -0.30 14.59 -13.43
N ILE B 56 0.04 15.77 -13.92
CA ILE B 56 1.43 16.06 -14.28
C ILE B 56 2.31 16.06 -13.02
N ILE B 57 1.88 16.79 -11.99
CA ILE B 57 2.61 16.82 -10.73
C ILE B 57 2.76 15.40 -10.18
N LYS B 58 1.71 14.59 -10.27
CA LYS B 58 1.79 13.22 -9.78
C LYS B 58 2.91 12.46 -10.49
N ALA B 59 2.98 12.60 -11.82
CA ALA B 59 4.08 11.98 -12.55
C ALA B 59 5.43 12.48 -12.07
N ILE B 60 5.56 13.79 -11.83
CA ILE B 60 6.83 14.36 -11.38
C ILE B 60 7.23 13.78 -10.01
N VAL B 61 6.28 13.79 -9.06
CA VAL B 61 6.55 13.26 -7.72
C VAL B 61 6.95 11.79 -7.81
N GLU B 62 6.32 11.06 -8.72
CA GLU B 62 6.68 9.67 -8.94
C GLU B 62 8.14 9.54 -9.36
N LYS B 63 8.55 10.33 -10.36
CA LYS B 63 9.96 10.33 -10.76
C LYS B 63 10.86 10.67 -9.58
N LEU B 64 10.42 11.61 -8.74
CA LEU B 64 11.21 11.99 -7.57
C LEU B 64 11.36 10.80 -6.62
N LYS B 65 10.35 9.96 -6.51
CA LYS B 65 10.42 8.88 -5.55
C LYS B 65 11.39 7.77 -5.95
N LYS B 66 11.65 7.64 -7.24
CA LYS B 66 12.48 6.55 -7.74
C LYS B 66 13.96 6.81 -7.72
N GLY B 67 14.35 8.03 -8.02
CA GLY B 67 15.75 8.37 -8.08
C GLY B 67 16.43 7.66 -9.22
N GLY C 2 7.29 -9.09 10.65
CA GLY C 2 6.34 -10.07 10.15
C GLY C 2 4.98 -9.48 9.82
N VAL C 3 4.06 -9.55 10.78
CA VAL C 3 2.72 -9.01 10.56
C VAL C 3 2.71 -7.48 10.56
N VAL C 4 3.56 -6.87 11.39
CA VAL C 4 3.51 -5.41 11.51
C VAL C 4 4.16 -4.75 10.29
N LYS C 5 5.25 -5.32 9.79
CA LYS C 5 5.85 -4.81 8.56
C LYS C 5 4.88 -4.95 7.39
N LEU C 6 4.09 -6.03 7.39
CA LEU C 6 3.12 -6.21 6.32
C LEU C 6 1.94 -5.24 6.46
N GLU C 7 1.54 -4.95 7.70
CA GLU C 7 0.54 -3.91 7.94
C GLU C 7 1.01 -2.59 7.34
N LEU C 8 2.24 -2.20 7.66
CA LEU C 8 2.84 -0.99 7.13
C LEU C 8 2.86 -1.03 5.61
N VAL C 10 0.93 -2.75 3.48
CA VAL C 10 -0.40 -2.64 2.90
C VAL C 10 -0.87 -1.20 2.93
N VAL C 11 -0.72 -0.55 4.09
CA VAL C 11 -1.21 0.82 4.21
C VAL C 11 -0.42 1.77 3.31
N ALA C 12 0.91 1.62 3.29
CA ALA C 12 1.73 2.51 2.47
C ALA C 12 1.51 2.29 0.99
N ARG C 13 1.30 1.04 0.56
CA ARG C 13 1.07 0.78 -0.86
C ARG C 13 -0.30 1.30 -1.28
N SER C 14 -1.33 1.06 -0.46
CA SER C 14 -2.66 1.56 -0.78
C SER C 14 -2.71 3.08 -0.78
N THR C 15 -1.80 3.73 -0.05
CA THR C 15 -1.73 5.19 -0.05
C THR C 15 -0.99 5.71 -1.28
N GLY C 16 -0.23 4.86 -1.96
CA GLY C 16 0.64 5.34 -3.01
C GLY C 16 1.76 6.21 -2.50
N ALA C 17 2.11 6.08 -1.22
CA ALA C 17 3.08 6.97 -0.60
C ALA C 17 4.51 6.53 -0.79
N LEU C 18 4.77 5.26 -1.08
CA LEU C 18 6.13 4.78 -1.26
C LEU C 18 6.33 4.25 -2.67
N SER C 19 7.57 4.35 -3.14
CA SER C 19 7.94 3.80 -4.42
C SER C 19 8.08 2.28 -4.33
N LYS C 20 8.28 1.65 -5.49
CA LYS C 20 8.45 0.20 -5.53
C LYS C 20 9.70 -0.23 -4.77
N GLU C 21 10.82 0.48 -4.98
CA GLU C 21 12.04 0.18 -4.24
C GLU C 21 11.81 0.31 -2.74
N GLU C 22 11.18 1.41 -2.31
CA GLU C 22 10.98 1.64 -0.89
C GLU C 22 10.08 0.57 -0.27
N LEU C 23 9.01 0.20 -0.97
CA LEU C 23 8.15 -0.90 -0.50
C LEU C 23 8.94 -2.20 -0.42
N ALA C 24 9.75 -2.49 -1.45
CA ALA C 24 10.61 -3.66 -1.43
C ALA C 24 11.49 -3.67 -0.20
N LYS C 25 12.06 -2.52 0.16
CA LYS C 25 12.89 -2.43 1.35
C LYS C 25 12.08 -2.67 2.62
N VAL C 26 10.86 -2.13 2.67
CA VAL C 26 10.01 -2.34 3.84
C VAL C 26 9.75 -3.83 4.02
N MET C 27 9.61 -4.56 2.92
CA MET C 27 9.28 -5.97 3.02
C MET C 27 10.51 -6.84 3.31
N LEU C 28 11.60 -6.59 2.59
CA LEU C 28 12.78 -7.45 2.62
C LEU C 28 13.95 -6.86 3.39
N GLY C 29 13.84 -5.63 3.91
CA GLY C 29 14.92 -4.96 4.58
C GLY C 29 14.89 -5.15 6.09
N THR C 30 15.73 -4.38 6.76
CA THR C 30 15.83 -4.45 8.22
C THR C 30 14.67 -3.71 8.88
N ASN C 31 14.54 -3.89 10.19
CA ASN C 31 13.48 -3.21 10.94
C ASN C 31 13.73 -1.71 11.01
N GLU C 32 14.99 -1.30 11.15
CA GLU C 32 15.31 0.13 11.14
C GLU C 32 14.90 0.77 9.83
N GLU C 33 15.20 0.11 8.70
CA GLU C 33 14.77 0.62 7.41
C GLU C 33 13.25 0.72 7.35
N ALA C 34 12.56 -0.26 7.93
CA ALA C 34 11.11 -0.23 7.95
C ALA C 34 10.60 0.99 8.72
N ILE C 35 11.20 1.26 9.88
CA ILE C 35 10.81 2.43 10.68
C ILE C 35 11.01 3.71 9.89
N GLU C 36 12.16 3.85 9.23
CA GLU C 36 12.47 5.09 8.53
C GLU C 36 11.55 5.30 7.33
N LEU C 37 11.33 4.25 6.54
CA LEU C 37 10.39 4.38 5.42
C LEU C 37 8.96 4.59 5.91
N GLY C 38 8.58 4.00 7.06
CA GLY C 38 7.28 4.29 7.63
C GLY C 38 7.10 5.74 8.01
N GLU C 39 8.12 6.34 8.63
CA GLU C 39 8.04 7.76 8.97
C GLU C 39 7.90 8.61 7.72
N ALA C 40 8.67 8.28 6.68
CA ALA C 40 8.54 8.99 5.41
C ALA C 40 7.13 8.82 4.83
N ALA C 41 6.60 7.60 4.90
CA ALA C 41 5.26 7.32 4.37
C ALA C 41 4.20 8.14 5.10
N ALA C 42 4.30 8.23 6.43
CA ALA C 42 3.33 9.02 7.18
C ALA C 42 3.42 10.49 6.82
N ALA C 43 4.65 11.01 6.68
CA ALA C 43 4.78 12.41 6.29
C ALA C 43 4.17 12.66 4.93
N ARG C 44 4.38 11.73 3.98
CA ARG C 44 3.80 11.86 2.65
C ARG C 44 2.28 11.76 2.69
N ALA C 45 1.76 10.83 3.49
CA ALA C 45 0.31 10.75 3.67
C ALA C 45 -0.25 12.07 4.22
N LYS C 46 0.38 12.64 5.24
CA LYS C 46 0.01 14.01 5.62
C LYS C 46 -0.05 14.94 4.41
N ALA C 47 1.04 14.96 3.66
CA ALA C 47 1.18 15.89 2.56
C ALA C 47 0.06 15.77 1.54
N MET C 48 -0.47 14.56 1.34
CA MET C 48 -1.57 14.38 0.41
C MET C 48 -2.92 14.75 1.00
N GLY C 49 -2.98 15.19 2.25
CA GLY C 49 -4.24 15.48 2.89
C GLY C 49 -4.88 14.28 3.55
N ASP C 50 -4.26 13.12 3.47
CA ASP C 50 -4.79 11.87 4.01
C ASP C 50 -4.37 11.72 5.48
N GLU C 51 -5.13 12.37 6.35
CA GLU C 51 -4.78 12.34 7.78
C GLU C 51 -4.96 10.95 8.37
N GLU C 52 -6.02 10.24 7.96
CA GLU C 52 -6.27 8.91 8.48
C GLU C 52 -5.10 7.96 8.20
N SER C 53 -4.66 7.92 6.94
CA SER C 53 -3.51 7.07 6.60
C SER C 53 -2.28 7.47 7.40
N ALA C 54 -2.07 8.77 7.61
CA ALA C 54 -0.93 9.21 8.41
C ALA C 54 -1.00 8.66 9.83
N LYS C 55 -2.21 8.70 10.42
CA LYS C 55 -2.40 8.20 11.78
C LYS C 55 -2.21 6.69 11.85
N ILE C 56 -2.69 5.96 10.84
CA ILE C 56 -2.52 4.52 10.83
C ILE C 56 -1.04 4.16 10.69
N ILE C 57 -0.35 4.82 9.73
CA ILE C 57 1.06 4.53 9.49
C ILE C 57 1.89 4.81 10.72
N LYS C 58 1.65 5.93 11.41
CA LYS C 58 2.36 6.22 12.64
C LYS C 58 2.09 5.19 13.76
N ALA C 59 0.83 4.78 13.94
CA ALA C 59 0.55 3.72 14.92
C ALA C 59 1.32 2.44 14.58
N ILE C 60 1.35 2.06 13.30
CA ILE C 60 2.10 0.87 12.89
C ILE C 60 3.59 1.07 13.15
N VAL C 61 4.14 2.23 12.78
CA VAL C 61 5.55 2.51 13.04
C VAL C 61 5.85 2.44 14.54
N GLU C 62 4.90 2.89 15.37
CA GLU C 62 5.07 2.80 16.82
C GLU C 62 5.18 1.35 17.26
N LYS C 63 4.29 0.49 16.75
CA LYS C 63 4.43 -0.95 17.02
C LYS C 63 5.78 -1.48 16.55
N LEU C 64 6.19 -1.05 15.34
CA LEU C 64 7.43 -1.50 14.72
C LEU C 64 8.67 -1.07 15.50
N LYS C 65 8.62 0.08 16.17
CA LYS C 65 9.79 0.70 16.78
C LYS C 65 10.46 -0.19 17.80
N LYS C 66 10.09 -0.07 19.07
CA LYS C 66 10.77 -0.87 20.08
C LYS C 66 10.27 -2.30 19.92
N GLY C 67 11.04 -3.08 19.17
CA GLY C 67 10.68 -4.42 18.77
C GLY C 67 11.92 -5.12 18.22
N GLY D 2 -1.79 -11.50 14.80
CA GLY D 2 -3.00 -11.74 14.04
C GLY D 2 -2.80 -11.75 12.53
N VAL D 3 -2.45 -12.91 11.98
CA VAL D 3 -2.27 -12.99 10.54
C VAL D 3 -3.62 -12.89 9.85
N VAL D 4 -4.66 -13.41 10.51
CA VAL D 4 -6.00 -13.45 9.94
C VAL D 4 -6.62 -12.05 9.94
N LYS D 5 -6.34 -11.25 10.96
CA LYS D 5 -6.88 -9.89 11.00
C LYS D 5 -6.36 -9.07 9.83
N LEU D 6 -5.08 -9.23 9.48
CA LEU D 6 -4.52 -8.53 8.34
C LEU D 6 -5.02 -9.11 7.03
N GLU D 7 -5.20 -10.44 6.98
CA GLU D 7 -5.81 -11.08 5.83
C GLU D 7 -7.20 -10.50 5.56
N LEU D 8 -8.02 -10.39 6.60
CA LEU D 8 -9.34 -9.77 6.55
C LEU D 8 -9.24 -8.34 6.07
N VAL D 10 -6.88 -6.94 4.21
CA VAL D 10 -6.49 -6.88 2.81
C VAL D 10 -7.70 -7.17 1.92
N VAL D 11 -8.43 -8.23 2.24
CA VAL D 11 -9.57 -8.60 1.40
C VAL D 11 -10.67 -7.53 1.49
N ALA D 12 -10.95 -7.03 2.69
CA ALA D 12 -12.00 -6.02 2.86
C ALA D 12 -11.62 -4.72 2.18
N ARG D 13 -10.32 -4.38 2.17
CA ARG D 13 -9.87 -3.18 1.49
C ARG D 13 -10.02 -3.34 -0.02
N SER D 14 -9.74 -4.55 -0.53
CA SER D 14 -9.83 -4.78 -1.97
C SER D 14 -11.26 -4.60 -2.48
N THR D 15 -12.28 -4.77 -1.63
CA THR D 15 -13.65 -4.58 -2.08
C THR D 15 -14.07 -3.11 -2.14
N GLY D 16 -13.35 -2.21 -1.47
CA GLY D 16 -13.77 -0.84 -1.40
C GLY D 16 -15.05 -0.58 -0.63
N ALA D 17 -15.45 -1.51 0.23
CA ALA D 17 -16.72 -1.41 0.94
C ALA D 17 -16.66 -0.59 2.23
N LEU D 18 -15.46 -0.39 2.78
CA LEU D 18 -15.29 0.33 4.03
C LEU D 18 -14.52 1.63 3.81
N SER D 19 -14.81 2.60 4.66
CA SER D 19 -14.07 3.85 4.66
C SER D 19 -12.69 3.64 5.30
N LYS D 20 -11.86 4.68 5.23
CA LYS D 20 -10.54 4.62 5.82
C LYS D 20 -10.61 4.43 7.33
N GLU D 21 -11.52 5.15 8.00
CA GLU D 21 -11.71 4.98 9.44
C GLU D 21 -12.04 3.53 9.80
N GLU D 22 -12.98 2.92 9.06
CA GLU D 22 -13.38 1.55 9.36
C GLU D 22 -12.20 0.59 9.20
N LEU D 23 -11.44 0.74 8.11
CA LEU D 23 -10.24 -0.07 7.90
C LEU D 23 -9.25 0.12 9.04
N ALA D 24 -9.04 1.36 9.45
CA ALA D 24 -8.19 1.64 10.61
C ALA D 24 -8.64 0.86 11.83
N LYS D 25 -9.95 0.82 12.07
CA LYS D 25 -10.45 0.06 13.21
C LYS D 25 -10.21 -1.43 13.04
N VAL D 26 -10.37 -1.93 11.80
CA VAL D 26 -10.13 -3.35 11.53
C VAL D 26 -8.67 -3.71 11.82
N MET D 27 -7.75 -2.81 11.50
CA MET D 27 -6.34 -3.17 11.66
C MET D 27 -5.84 -2.93 13.08
N LEU D 28 -6.21 -1.80 13.68
CA LEU D 28 -5.63 -1.38 14.95
C LEU D 28 -6.55 -1.62 16.14
N GLY D 29 -7.76 -2.14 15.91
CA GLY D 29 -8.72 -2.35 16.97
C GLY D 29 -8.68 -3.75 17.52
N THR D 30 -9.66 -4.06 18.36
CA THR D 30 -9.73 -5.39 18.94
C THR D 30 -10.30 -6.39 17.93
N ASN D 31 -10.28 -7.66 18.31
CA ASN D 31 -10.81 -8.70 17.45
C ASN D 31 -12.32 -8.56 17.26
N GLU D 32 -13.01 -8.02 18.27
CA GLU D 32 -14.46 -7.84 18.17
C GLU D 32 -14.82 -6.80 17.10
N GLU D 33 -14.13 -5.66 17.13
CA GLU D 33 -14.34 -4.65 16.09
C GLU D 33 -13.97 -5.20 14.72
N ALA D 34 -12.94 -6.04 14.66
CA ALA D 34 -12.57 -6.66 13.39
C ALA D 34 -13.71 -7.53 12.88
N ILE D 35 -14.32 -8.33 13.76
CA ILE D 35 -15.43 -9.17 13.34
C ILE D 35 -16.60 -8.33 12.84
N GLU D 36 -16.95 -7.28 13.59
CA GLU D 36 -18.13 -6.49 13.21
C GLU D 36 -17.92 -5.76 11.89
N LEU D 37 -16.76 -5.13 11.73
CA LEU D 37 -16.48 -4.43 10.49
C LEU D 37 -16.28 -5.38 9.32
N GLY D 38 -15.69 -6.56 9.55
CA GLY D 38 -15.62 -7.55 8.49
C GLY D 38 -16.98 -8.00 8.02
N GLU D 39 -17.90 -8.21 8.97
CA GLU D 39 -19.26 -8.57 8.61
C GLU D 39 -19.93 -7.45 7.81
N ALA D 40 -19.69 -6.19 8.22
CA ALA D 40 -20.20 -5.05 7.45
C ALA D 40 -19.63 -5.04 6.04
N ALA D 41 -18.32 -5.30 5.91
CA ALA D 41 -17.68 -5.32 4.60
C ALA D 41 -18.26 -6.40 3.72
N ALA D 42 -18.46 -7.60 4.28
CA ALA D 42 -19.03 -8.69 3.50
C ALA D 42 -20.46 -8.37 3.08
N ALA D 43 -21.25 -7.77 3.97
CA ALA D 43 -22.62 -7.43 3.63
C ALA D 43 -22.67 -6.39 2.51
N ARG D 44 -21.81 -5.37 2.60
CA ARG D 44 -21.77 -4.35 1.56
C ARG D 44 -21.28 -4.93 0.22
N ALA D 45 -20.24 -5.77 0.27
CA ALA D 45 -19.73 -6.39 -0.94
C ALA D 45 -20.79 -7.25 -1.63
N LYS D 46 -21.48 -8.11 -0.85
CA LYS D 46 -22.62 -8.84 -1.39
C LYS D 46 -23.62 -7.88 -2.04
N ALA D 47 -24.00 -6.83 -1.32
CA ALA D 47 -24.96 -5.86 -1.85
C ALA D 47 -24.47 -5.23 -3.15
N MET D 48 -23.15 -5.06 -3.29
CA MET D 48 -22.58 -4.52 -4.53
C MET D 48 -22.40 -5.58 -5.61
N GLY D 49 -22.85 -6.82 -5.37
CA GLY D 49 -22.71 -7.89 -6.33
C GLY D 49 -21.45 -8.71 -6.24
N ASP D 50 -20.57 -8.44 -5.27
CA ASP D 50 -19.30 -9.14 -5.16
C ASP D 50 -19.45 -10.40 -4.31
N GLU D 51 -19.90 -11.50 -4.92
CA GLU D 51 -20.02 -12.73 -4.12
C GLU D 51 -18.70 -13.23 -3.60
N GLU D 52 -17.72 -13.36 -4.48
CA GLU D 52 -16.49 -14.01 -4.10
C GLU D 52 -15.88 -13.32 -2.90
N SER D 53 -15.74 -12.00 -2.99
CA SER D 53 -15.26 -11.23 -1.85
C SER D 53 -16.15 -11.44 -0.64
N ALA D 54 -17.48 -11.52 -0.87
CA ALA D 54 -18.42 -11.55 0.23
C ALA D 54 -18.20 -12.74 1.15
N LYS D 55 -18.06 -13.93 0.59
CA LYS D 55 -18.00 -15.02 1.57
C LYS D 55 -16.61 -15.62 1.65
N ILE D 56 -15.63 -15.06 0.91
CA ILE D 56 -14.24 -15.12 1.36
C ILE D 56 -14.12 -14.38 2.68
N ILE D 57 -14.64 -13.15 2.73
CA ILE D 57 -14.68 -12.40 3.98
C ILE D 57 -15.45 -13.19 5.03
N LYS D 58 -16.57 -13.81 4.65
CA LYS D 58 -17.34 -14.59 5.62
C LYS D 58 -16.51 -15.71 6.23
N ALA D 59 -15.78 -16.47 5.39
CA ALA D 59 -14.90 -17.50 5.91
C ALA D 59 -13.84 -16.92 6.83
N ILE D 60 -13.27 -15.77 6.46
CA ILE D 60 -12.23 -15.14 7.26
C ILE D 60 -12.79 -14.74 8.63
N VAL D 61 -13.95 -14.09 8.63
CA VAL D 61 -14.59 -13.68 9.89
C VAL D 61 -14.86 -14.90 10.76
N GLU D 62 -15.31 -16.00 10.15
CA GLU D 62 -15.54 -17.21 10.92
C GLU D 62 -14.25 -17.72 11.56
N LYS D 63 -13.16 -17.76 10.79
CA LYS D 63 -11.87 -18.13 11.35
C LYS D 63 -11.46 -17.21 12.49
N LEU D 64 -11.70 -15.91 12.33
CA LEU D 64 -11.37 -14.94 13.37
C LEU D 64 -12.17 -15.21 14.64
N LYS D 65 -13.40 -15.62 14.51
CA LYS D 65 -14.23 -15.82 15.67
C LYS D 65 -13.86 -17.08 16.44
N LYS D 66 -13.50 -18.15 15.74
CA LYS D 66 -13.22 -19.39 16.41
C LYS D 66 -11.84 -19.39 17.05
N GLY D 67 -11.28 -18.21 17.29
CA GLY D 67 -10.00 -18.12 17.95
C GLY D 67 -8.92 -18.95 17.31
#